data_6DTP
#
_entry.id   6DTP
#
_cell.length_a   120.761
_cell.length_b   42.188
_cell.length_c   122.671
_cell.angle_alpha   90.000
_cell.angle_beta   102.070
_cell.angle_gamma   90.000
#
_symmetry.space_group_name_H-M   'I 1 2 1'
#
loop_
_entity.id
_entity.type
_entity.pdbx_description
1 polymer 'Estradiol 17-beta-dehydrogenase 1'
2 non-polymer GLYCEROL
3 non-polymer 1,2-ETHANEDIOL
4 non-polymer N-butyl-11-[(7alpha,9beta,13alpha,14beta,16alpha,17alpha)-16-chloro-3,17-dihydroxyestra-1,3,5(10)-trien-7-yl]-N-methylundecanamide
5 non-polymer 'TRIETHYLENE GLYCOL'
6 non-polymer DI(HYDROXYETHYL)ETHER
7 water water
#
_entity_poly.entity_id   1
_entity_poly.type   'polypeptide(L)'
_entity_poly.pdbx_seq_one_letter_code
;MARTVVLITGCSSGIGLHLAVRLASDPSQSFKVYATLRDLKTQGRLWEAARALACPPGSLETLQLDVRDSKSVAAARERV
TEGRVDVLVCNAGLGLLGPLEALGEDAVASVLDVNVVGTVRMLQAFLPDMKRRGSGRVLVTGSVGGLMGLPFNDVYCASK
FALEGLCESLAVLLLPFGVHLSLIECGPVHTAFMEKVLGSPEEVLDRTDIHTFHRFYQYLAHSKQVFREAAQNPEEVAEV
FLTALRAPKPTLRYFTTERFLPLLRMRLDDPSGSNYVTAMHREVFGDVPAKAEAGAEAGGGAGPGAEDEAGRGAVGDPEL
GDPPAAPQ
;
_entity_poly.pdbx_strand_id   A,B
#
# COMPACT_ATOMS: atom_id res chain seq x y z
N ALA A 2 9.25 11.78 -35.76
CA ALA A 2 9.79 11.16 -34.52
C ALA A 2 8.82 10.13 -33.95
N ARG A 3 9.33 8.97 -33.58
CA ARG A 3 8.50 7.96 -32.95
C ARG A 3 8.24 8.28 -31.48
N THR A 4 7.12 7.78 -30.98
CA THR A 4 6.86 7.76 -29.54
C THR A 4 7.71 6.65 -28.90
N VAL A 5 8.71 7.05 -28.11
CA VAL A 5 9.61 6.11 -27.42
C VAL A 5 8.94 5.57 -26.15
N VAL A 6 8.78 4.25 -26.08
CA VAL A 6 8.12 3.56 -24.97
C VAL A 6 9.07 2.58 -24.29
N LEU A 7 9.20 2.65 -22.96
CA LEU A 7 9.92 1.66 -22.17
C LEU A 7 8.92 0.91 -21.28
N ILE A 8 8.91 -0.42 -21.37
CA ILE A 8 7.96 -1.27 -20.65
C ILE A 8 8.77 -2.23 -19.81
N THR A 9 8.47 -2.35 -18.51
CA THR A 9 9.09 -3.37 -17.66
C THR A 9 8.29 -4.67 -17.66
N GLY A 10 8.99 -5.78 -17.47
CA GLY A 10 8.35 -7.09 -17.30
C GLY A 10 7.72 -7.64 -18.56
N CYS A 11 8.55 -7.77 -19.60
CA CYS A 11 8.09 -8.15 -20.93
C CYS A 11 8.31 -9.64 -21.30
N SER A 12 8.63 -10.49 -20.33
CA SER A 12 8.91 -11.90 -20.66
C SER A 12 7.62 -12.63 -20.94
N SER A 13 6.48 -12.15 -20.42
CA SER A 13 5.21 -12.80 -20.66
C SER A 13 4.05 -11.86 -20.36
N GLY A 14 2.83 -12.37 -20.52
CA GLY A 14 1.64 -11.69 -20.09
C GLY A 14 1.50 -10.30 -20.69
N ILE A 15 1.00 -9.38 -19.87
CA ILE A 15 0.62 -8.05 -20.34
C ILE A 15 1.78 -7.29 -21.00
N GLY A 16 2.97 -7.36 -20.41
CA GLY A 16 4.12 -6.62 -20.90
C GLY A 16 4.60 -7.14 -22.25
N LEU A 17 4.66 -8.45 -22.40
CA LEU A 17 4.97 -9.08 -23.68
C LEU A 17 4.02 -8.60 -24.76
N HIS A 18 2.72 -8.77 -24.53
CA HIS A 18 1.72 -8.47 -25.56
C HIS A 18 1.60 -6.98 -25.81
N LEU A 19 1.87 -6.16 -24.81
CA LEU A 19 1.85 -4.69 -25.04
C LEU A 19 3.04 -4.26 -25.90
N ALA A 20 4.22 -4.76 -25.57
CA ALA A 20 5.40 -4.50 -26.35
C ALA A 20 5.19 -4.84 -27.83
N VAL A 21 4.70 -6.05 -28.16
CA VAL A 21 4.54 -6.43 -29.56
C VAL A 21 3.39 -5.72 -30.26
N ARG A 22 2.34 -5.40 -29.51
CA ARG A 22 1.24 -4.63 -30.01
C ARG A 22 1.64 -3.23 -30.46
N LEU A 23 2.41 -2.55 -29.61
CA LEU A 23 2.88 -1.21 -29.95
C LEU A 23 3.90 -1.30 -31.09
N ALA A 24 4.84 -2.24 -31.01
CA ALA A 24 5.89 -2.30 -32.03
C ALA A 24 5.32 -2.62 -33.42
N SER A 25 4.26 -3.43 -33.48
CA SER A 25 3.67 -3.87 -34.74
C SER A 25 2.51 -3.00 -35.21
N ASP A 26 2.27 -1.86 -34.56
CA ASP A 26 1.13 -1.05 -34.90
C ASP A 26 1.31 -0.53 -36.36
N PRO A 27 0.28 -0.68 -37.22
CA PRO A 27 0.33 -0.20 -38.61
C PRO A 27 0.87 1.21 -38.82
N SER A 28 0.61 2.11 -37.88
CA SER A 28 1.16 3.47 -37.90
C SER A 28 2.70 3.61 -37.86
N GLN A 29 3.42 2.60 -37.35
CA GLN A 29 4.90 2.67 -37.17
C GLN A 29 5.40 3.85 -36.32
N SER A 30 4.56 4.35 -35.42
CA SER A 30 4.91 5.49 -34.56
C SER A 30 5.58 5.09 -33.24
N PHE A 31 5.67 3.79 -32.90
CA PHE A 31 6.25 3.40 -31.60
C PHE A 31 7.60 2.71 -31.72
N LYS A 32 8.51 3.17 -30.87
CA LYS A 32 9.77 2.51 -30.63
C LYS A 32 9.68 1.98 -29.20
N VAL A 33 9.77 0.66 -29.03
CA VAL A 33 9.56 -0.01 -27.75
C VAL A 33 10.88 -0.60 -27.21
N TYR A 34 11.28 -0.14 -26.03
CA TYR A 34 12.29 -0.80 -25.22
C TYR A 34 11.59 -1.78 -24.27
N ALA A 35 11.71 -3.07 -24.54
CA ALA A 35 11.04 -4.11 -23.76
C ALA A 35 12.05 -4.66 -22.77
N THR A 36 11.81 -4.49 -21.47
CA THR A 36 12.78 -4.98 -20.49
C THR A 36 12.40 -6.33 -19.88
N LEU A 37 13.43 -7.08 -19.46
CA LEU A 37 13.28 -8.40 -18.87
C LEU A 37 14.29 -8.58 -17.73
N ARG A 38 13.87 -9.27 -16.69
CA ARG A 38 14.76 -9.65 -15.59
C ARG A 38 15.84 -10.65 -16.07
N ASP A 39 15.44 -11.72 -16.75
CA ASP A 39 16.37 -12.76 -17.23
C ASP A 39 16.37 -12.84 -18.77
N LEU A 40 17.52 -12.62 -19.40
CA LEU A 40 17.62 -12.68 -20.87
C LEU A 40 17.23 -14.04 -21.46
N LYS A 41 17.38 -15.11 -20.69
CA LYS A 41 17.01 -16.43 -21.19
C LYS A 41 15.50 -16.60 -21.42
N THR A 42 14.68 -15.66 -20.97
CA THR A 42 13.23 -15.80 -21.14
C THR A 42 12.68 -15.04 -22.36
N GLN A 43 13.57 -14.49 -23.18
CA GLN A 43 13.19 -13.58 -24.25
C GLN A 43 12.70 -14.23 -25.55
N GLY A 44 12.66 -15.56 -25.60
CA GLY A 44 12.28 -16.27 -26.79
C GLY A 44 10.85 -16.09 -27.19
N ARG A 45 9.94 -16.18 -26.22
CA ARG A 45 8.50 -15.93 -26.44
C ARG A 45 8.25 -14.54 -27.02
N LEU A 46 8.92 -13.56 -26.47
CA LEU A 46 8.88 -12.20 -26.98
C LEU A 46 9.29 -12.08 -28.47
N TRP A 47 10.43 -12.65 -28.82
CA TRP A 47 10.93 -12.58 -30.19
C TRP A 47 10.11 -13.39 -31.16
N GLU A 48 9.58 -14.53 -30.72
CA GLU A 48 8.63 -15.24 -31.53
C GLU A 48 7.37 -14.40 -31.81
N ALA A 49 6.77 -13.85 -30.76
CA ALA A 49 5.63 -12.96 -30.91
C ALA A 49 5.94 -11.77 -31.84
N ALA A 50 7.12 -11.16 -31.69
CA ALA A 50 7.52 -10.04 -32.54
C ALA A 50 7.65 -10.45 -34.01
N ARG A 51 8.19 -11.64 -34.25
CA ARG A 51 8.37 -12.18 -35.59
C ARG A 51 6.99 -12.42 -36.20
N ALA A 52 6.12 -13.14 -35.50
CA ALA A 52 4.76 -13.48 -35.98
C ALA A 52 3.89 -12.26 -36.30
N LEU A 53 4.10 -11.17 -35.56
CA LEU A 53 3.38 -9.92 -35.81
C LEU A 53 4.09 -8.96 -36.78
N ALA A 54 5.19 -9.41 -37.39
CA ALA A 54 6.00 -8.61 -38.31
C ALA A 54 6.38 -7.21 -37.80
N CYS A 55 6.94 -7.13 -36.59
CA CYS A 55 7.44 -5.86 -36.05
C CYS A 55 8.54 -5.36 -36.96
N PRO A 56 8.45 -4.10 -37.45
CA PRO A 56 9.51 -3.67 -38.37
C PRO A 56 10.88 -3.46 -37.71
N PRO A 57 11.96 -3.40 -38.49
CA PRO A 57 13.28 -3.31 -37.87
C PRO A 57 13.46 -2.00 -37.10
N GLY A 58 14.07 -2.10 -35.93
CA GLY A 58 14.20 -0.98 -35.01
C GLY A 58 12.93 -0.59 -34.24
N SER A 59 11.85 -1.35 -34.31
CA SER A 59 10.65 -1.03 -33.51
C SER A 59 10.69 -1.64 -32.07
N LEU A 60 11.56 -2.61 -31.85
CA LEU A 60 11.59 -3.37 -30.61
C LEU A 60 13.03 -3.69 -30.27
N GLU A 61 13.43 -3.30 -29.07
CA GLU A 61 14.74 -3.61 -28.53
C GLU A 61 14.52 -4.23 -27.14
N THR A 62 15.36 -5.20 -26.75
CA THR A 62 15.26 -5.77 -25.41
C THR A 62 16.44 -5.30 -24.58
N LEU A 63 16.18 -5.08 -23.28
CA LEU A 63 17.21 -4.70 -22.31
C LEU A 63 17.01 -5.60 -21.12
N GLN A 64 18.10 -5.89 -20.42
CA GLN A 64 18.04 -6.56 -19.15
C GLN A 64 17.80 -5.48 -18.09
N LEU A 65 16.93 -5.78 -17.14
CA LEU A 65 16.55 -4.81 -16.13
C LEU A 65 16.12 -5.50 -14.84
N ASP A 66 16.86 -5.24 -13.77
CA ASP A 66 16.47 -5.67 -12.43
C ASP A 66 15.92 -4.46 -11.64
N VAL A 67 14.59 -4.39 -11.49
CA VAL A 67 13.94 -3.28 -10.75
C VAL A 67 14.32 -3.18 -9.27
N ARG A 68 14.97 -4.20 -8.70
CA ARG A 68 15.47 -4.16 -7.31
C ARG A 68 16.80 -3.42 -7.15
N ASP A 69 17.41 -3.05 -8.27
CA ASP A 69 18.78 -2.52 -8.31
C ASP A 69 18.76 -1.19 -9.06
N SER A 70 18.99 -0.08 -8.36
CA SER A 70 18.89 1.23 -9.03
C SER A 70 20.01 1.48 -10.05
N LYS A 71 21.11 0.73 -9.95
CA LYS A 71 22.19 0.72 -10.96
C LYS A 71 21.75 0.06 -12.27
N SER A 72 21.01 -1.03 -12.16
CA SER A 72 20.37 -1.65 -13.33
C SER A 72 19.36 -0.68 -13.96
N VAL A 73 18.56 -0.02 -13.13
CA VAL A 73 17.60 0.97 -13.63
C VAL A 73 18.30 2.13 -14.37
N ALA A 74 19.37 2.65 -13.75
CA ALA A 74 20.18 3.71 -14.36
C ALA A 74 20.84 3.27 -15.69
N ALA A 75 21.34 2.05 -15.74
CA ALA A 75 21.90 1.52 -17.00
C ALA A 75 20.84 1.38 -18.12
N ALA A 76 19.59 1.02 -17.76
CA ALA A 76 18.51 0.93 -18.75
C ALA A 76 18.17 2.30 -19.30
N ARG A 77 18.06 3.29 -18.42
CA ARG A 77 17.87 4.68 -18.84
C ARG A 77 18.94 5.09 -19.88
N GLU A 78 20.20 4.83 -19.57
CA GLU A 78 21.32 5.22 -20.46
C GLU A 78 21.35 4.46 -21.81
N ARG A 79 20.81 3.25 -21.87
CA ARG A 79 20.61 2.56 -23.15
C ARG A 79 19.55 3.17 -24.07
N VAL A 80 18.67 4.05 -23.58
CA VAL A 80 17.70 4.74 -24.44
C VAL A 80 18.40 5.80 -25.32
N THR A 81 18.83 5.34 -26.49
CA THR A 81 19.68 6.15 -27.38
C THR A 81 19.03 7.49 -27.76
N GLU A 82 17.69 7.52 -27.85
CA GLU A 82 16.95 8.74 -28.17
C GLU A 82 17.03 9.88 -27.12
N GLY A 83 17.46 9.60 -25.88
CA GLY A 83 17.56 10.65 -24.86
C GLY A 83 16.21 11.13 -24.33
N ARG A 84 15.17 10.32 -24.53
CA ARG A 84 13.87 10.57 -23.88
C ARG A 84 13.03 9.29 -23.85
N VAL A 85 12.04 9.30 -22.98
CA VAL A 85 11.03 8.28 -22.91
C VAL A 85 9.73 9.06 -22.89
N ASP A 86 8.89 8.83 -23.90
CA ASP A 86 7.61 9.49 -24.00
C ASP A 86 6.57 8.77 -23.17
N VAL A 87 6.68 7.43 -23.10
CA VAL A 87 5.72 6.62 -22.35
C VAL A 87 6.50 5.59 -21.52
N LEU A 88 6.29 5.62 -20.21
CA LEU A 88 6.90 4.66 -19.32
C LEU A 88 5.79 3.75 -18.83
N VAL A 89 5.95 2.45 -19.01
CA VAL A 89 4.96 1.49 -18.54
C VAL A 89 5.59 0.64 -17.43
N CYS A 90 5.17 0.83 -16.17
CA CYS A 90 5.71 0.08 -15.03
C CYS A 90 4.79 -1.11 -14.86
N ASN A 91 5.28 -2.27 -15.23
CA ASN A 91 4.49 -3.48 -15.29
C ASN A 91 5.09 -4.69 -14.58
N ALA A 92 6.41 -4.74 -14.45
CA ALA A 92 7.06 -5.81 -13.68
C ALA A 92 6.41 -5.93 -12.30
N GLY A 93 6.05 -7.14 -11.93
CA GLY A 93 5.43 -7.38 -10.65
C GLY A 93 5.42 -8.84 -10.28
N LEU A 94 5.21 -9.09 -9.00
CA LEU A 94 5.15 -10.41 -8.39
C LEU A 94 3.87 -10.61 -7.61
N GLY A 95 3.40 -11.85 -7.61
CA GLY A 95 2.25 -12.26 -6.83
C GLY A 95 2.75 -12.93 -5.58
N LEU A 96 1.86 -13.08 -4.61
CA LEU A 96 2.18 -13.83 -3.42
C LEU A 96 0.85 -14.25 -2.87
N LEU A 97 0.63 -15.57 -2.85
CA LEU A 97 -0.65 -16.12 -2.49
C LEU A 97 -0.47 -17.08 -1.34
N GLY A 98 -1.26 -16.89 -0.28
CA GLY A 98 -1.29 -17.84 0.83
C GLY A 98 -1.64 -17.18 2.14
N PRO A 99 -1.88 -17.99 3.19
CA PRO A 99 -2.13 -17.46 4.55
C PRO A 99 -0.94 -16.60 5.01
N LEU A 100 -1.21 -15.44 5.60
CA LEU A 100 -0.14 -14.48 6.02
C LEU A 100 0.94 -15.13 6.90
N GLU A 101 0.51 -15.95 7.86
CA GLU A 101 1.43 -16.69 8.74
C GLU A 101 2.22 -17.82 8.07
N ALA A 102 1.88 -18.16 6.83
CA ALA A 102 2.68 -19.08 6.01
C ALA A 102 3.71 -18.39 5.15
N LEU A 103 3.71 -17.06 5.07
CA LEU A 103 4.60 -16.35 4.14
C LEU A 103 5.95 -16.09 4.78
N GLY A 104 7.02 -16.43 4.07
CA GLY A 104 8.37 -16.10 4.49
C GLY A 104 8.59 -14.60 4.44
N GLU A 105 9.33 -14.09 5.41
CA GLU A 105 9.63 -12.66 5.51
C GLU A 105 10.40 -12.16 4.29
N ASP A 106 11.32 -13.01 3.80
CA ASP A 106 12.06 -12.81 2.55
C ASP A 106 11.14 -12.58 1.36
N ALA A 107 10.13 -13.44 1.23
CA ALA A 107 9.10 -13.33 0.18
C ALA A 107 8.27 -12.03 0.29
N VAL A 108 7.93 -11.65 1.52
CA VAL A 108 7.17 -10.41 1.76
C VAL A 108 8.01 -9.19 1.34
N ALA A 109 9.26 -9.16 1.80
CA ALA A 109 10.17 -8.06 1.49
C ALA A 109 10.47 -7.96 -0.01
N SER A 110 10.59 -9.09 -0.70
CA SER A 110 10.83 -9.11 -2.15
C SER A 110 9.63 -8.62 -2.96
N VAL A 111 8.42 -9.00 -2.56
CA VAL A 111 7.20 -8.57 -3.25
C VAL A 111 7.07 -7.05 -3.12
N LEU A 112 7.39 -6.52 -1.94
CA LEU A 112 7.39 -5.05 -1.72
C LEU A 112 8.48 -4.37 -2.51
N ASP A 113 9.67 -4.98 -2.50
CA ASP A 113 10.84 -4.37 -3.16
C ASP A 113 10.62 -4.29 -4.67
N VAL A 114 9.97 -5.29 -5.25
CA VAL A 114 9.69 -5.31 -6.70
C VAL A 114 8.47 -4.46 -7.06
N ASN A 115 7.35 -4.72 -6.42
CA ASN A 115 6.08 -4.07 -6.79
C ASN A 115 6.06 -2.56 -6.45
N VAL A 116 6.55 -2.21 -5.25
CA VAL A 116 6.51 -0.85 -4.75
C VAL A 116 7.83 -0.09 -4.97
N VAL A 117 8.92 -0.57 -4.37
CA VAL A 117 10.20 0.15 -4.39
C VAL A 117 10.76 0.16 -5.82
N GLY A 118 10.54 -0.93 -6.55
CA GLY A 118 10.91 -1.03 -7.97
C GLY A 118 10.25 0.02 -8.84
N THR A 119 8.98 0.27 -8.58
CA THR A 119 8.27 1.36 -9.24
C THR A 119 8.78 2.73 -8.83
N VAL A 120 9.04 2.93 -7.54
CA VAL A 120 9.70 4.15 -7.06
C VAL A 120 11.01 4.39 -7.83
N ARG A 121 11.86 3.36 -7.89
CA ARG A 121 13.16 3.46 -8.60
C ARG A 121 13.00 3.92 -10.04
N MET A 122 12.03 3.32 -10.74
CA MET A 122 11.70 3.70 -12.10
C MET A 122 11.24 5.16 -12.20
N LEU A 123 10.38 5.59 -11.29
CA LEU A 123 9.88 6.97 -11.34
C LEU A 123 11.00 7.97 -10.98
N GLN A 124 11.83 7.63 -9.99
CA GLN A 124 13.01 8.43 -9.66
C GLN A 124 13.92 8.66 -10.85
N ALA A 125 14.17 7.60 -11.63
CA ALA A 125 15.06 7.66 -12.77
C ALA A 125 14.48 8.41 -13.97
N PHE A 126 13.17 8.27 -14.22
CA PHE A 126 12.56 8.76 -15.46
C PHE A 126 11.66 9.99 -15.34
N LEU A 127 11.10 10.27 -14.17
CA LEU A 127 10.22 11.46 -14.03
C LEU A 127 10.94 12.82 -14.23
N PRO A 128 12.19 12.97 -13.73
CA PRO A 128 12.86 14.29 -13.87
C PRO A 128 12.97 14.81 -15.30
N ASP A 129 13.39 13.97 -16.24
CA ASP A 129 13.43 14.41 -17.64
C ASP A 129 12.04 14.73 -18.22
N MET A 130 11.00 14.02 -17.78
CA MET A 130 9.65 14.32 -18.24
C MET A 130 9.17 15.66 -17.68
N LYS A 131 9.41 15.88 -16.39
CA LYS A 131 9.03 17.13 -15.72
C LYS A 131 9.73 18.34 -16.34
N ARG A 132 11.04 18.22 -16.63
CA ARG A 132 11.76 19.31 -17.32
C ARG A 132 11.30 19.52 -18.75
N ARG A 133 10.95 18.44 -19.46
CA ARG A 133 10.38 18.55 -20.81
C ARG A 133 8.96 19.11 -20.83
N GLY A 134 8.23 18.98 -19.73
CA GLY A 134 6.80 19.29 -19.72
C GLY A 134 5.93 18.28 -20.45
N SER A 135 6.39 17.03 -20.56
CA SER A 135 5.61 15.99 -21.26
C SER A 135 6.07 14.58 -20.93
N GLY A 136 5.14 13.65 -21.01
CA GLY A 136 5.44 12.27 -20.68
C GLY A 136 4.22 11.62 -20.10
N ARG A 137 4.17 10.31 -20.30
CA ARG A 137 3.07 9.52 -19.86
C ARG A 137 3.61 8.35 -19.07
N VAL A 138 3.02 8.08 -17.94
CA VAL A 138 3.42 6.94 -17.14
C VAL A 138 2.17 6.09 -17.00
N LEU A 139 2.30 4.84 -17.39
CA LEU A 139 1.19 3.87 -17.27
C LEU A 139 1.62 2.79 -16.30
N VAL A 140 0.80 2.54 -15.29
CA VAL A 140 1.14 1.54 -14.25
C VAL A 140 0.10 0.41 -14.26
N THR A 141 0.60 -0.82 -14.29
CA THR A 141 -0.28 -1.97 -14.20
C THR A 141 -0.85 -2.03 -12.79
N GLY A 142 -2.15 -1.88 -12.71
CA GLY A 142 -2.89 -1.96 -11.46
C GLY A 142 -3.68 -3.25 -11.42
N SER A 143 -4.43 -3.41 -10.35
CA SER A 143 -5.21 -4.59 -10.14
C SER A 143 -6.46 -4.24 -9.38
N VAL A 144 -7.46 -5.10 -9.52
CA VAL A 144 -8.62 -5.04 -8.64
C VAL A 144 -8.19 -5.28 -7.19
N GLY A 145 -7.12 -6.04 -6.98
CA GLY A 145 -6.53 -6.23 -5.66
C GLY A 145 -5.89 -4.97 -5.05
N GLY A 146 -5.74 -3.90 -5.83
CA GLY A 146 -5.29 -2.60 -5.33
C GLY A 146 -6.46 -1.72 -4.96
N LEU A 147 -7.67 -2.14 -5.34
CA LEU A 147 -8.89 -1.39 -5.07
C LEU A 147 -9.71 -1.97 -3.91
N MET A 148 -9.53 -3.25 -3.63
CA MET A 148 -10.31 -3.89 -2.57
C MET A 148 -9.47 -5.06 -2.09
N GLY A 149 -9.63 -5.39 -0.81
CA GLY A 149 -8.82 -6.42 -0.18
C GLY A 149 -9.35 -7.78 -0.55
N LEU A 150 -8.44 -8.71 -0.78
CA LEU A 150 -8.76 -10.07 -1.21
C LEU A 150 -8.13 -11.06 -0.25
N PRO A 151 -8.95 -11.95 0.34
CA PRO A 151 -8.39 -12.90 1.31
C PRO A 151 -7.31 -13.78 0.68
N PHE A 152 -6.34 -14.15 1.51
CA PHE A 152 -5.12 -14.86 1.09
C PHE A 152 -4.22 -14.13 0.06
N ASN A 153 -4.47 -12.85 -0.17
CA ASN A 153 -3.63 -12.01 -1.02
C ASN A 153 -3.23 -10.75 -0.24
N ASP A 154 -3.12 -10.87 1.07
CA ASP A 154 -2.91 -9.76 1.98
C ASP A 154 -1.73 -8.87 1.58
N VAL A 155 -0.61 -9.51 1.23
CA VAL A 155 0.63 -8.81 0.93
C VAL A 155 0.63 -8.37 -0.53
N TYR A 156 0.03 -9.15 -1.41
CA TYR A 156 -0.16 -8.73 -2.79
C TYR A 156 -1.03 -7.46 -2.84
N CYS A 157 -2.16 -7.48 -2.12
CA CYS A 157 -3.06 -6.35 -2.10
C CYS A 157 -2.39 -5.14 -1.48
N ALA A 158 -1.64 -5.36 -0.41
CA ALA A 158 -0.80 -4.33 0.20
C ALA A 158 0.08 -3.65 -0.82
N SER A 159 0.74 -4.43 -1.66
CA SER A 159 1.64 -3.88 -2.68
C SER A 159 0.88 -3.13 -3.77
N LYS A 160 -0.32 -3.60 -4.13
CA LYS A 160 -1.09 -2.93 -5.19
C LYS A 160 -1.82 -1.69 -4.66
N PHE A 161 -2.32 -1.76 -3.42
CA PHE A 161 -2.86 -0.60 -2.72
C PHE A 161 -1.76 0.48 -2.63
N ALA A 162 -0.52 0.04 -2.34
CA ALA A 162 0.63 0.95 -2.24
C ALA A 162 0.86 1.75 -3.52
N LEU A 163 0.80 1.08 -4.67
CA LEU A 163 0.85 1.76 -5.97
C LEU A 163 -0.25 2.77 -6.18
N GLU A 164 -1.47 2.44 -5.73
CA GLU A 164 -2.57 3.40 -5.79
C GLU A 164 -2.20 4.69 -5.06
N GLY A 165 -1.72 4.57 -3.82
CA GLY A 165 -1.30 5.71 -3.03
C GLY A 165 -0.16 6.48 -3.66
N LEU A 166 0.85 5.75 -4.13
CA LEU A 166 2.03 6.32 -4.76
C LEU A 166 1.67 7.13 -5.97
N CYS A 167 0.85 6.53 -6.85
CA CYS A 167 0.47 7.17 -8.10
C CYS A 167 -0.44 8.35 -7.89
N GLU A 168 -1.41 8.23 -6.98
CA GLU A 168 -2.35 9.31 -6.70
C GLU A 168 -1.63 10.53 -6.07
N SER A 169 -0.67 10.26 -5.17
CA SER A 169 0.13 11.31 -4.57
C SER A 169 0.94 12.08 -5.62
N LEU A 170 1.60 11.35 -6.49
CA LEU A 170 2.38 11.93 -7.57
C LEU A 170 1.51 12.69 -8.56
N ALA A 171 0.34 12.13 -8.88
CA ALA A 171 -0.56 12.74 -9.86
C ALA A 171 -1.00 14.14 -9.43
N VAL A 172 -1.28 14.30 -8.15
CA VAL A 172 -1.68 15.59 -7.60
C VAL A 172 -0.59 16.63 -7.92
N LEU A 173 0.66 16.29 -7.70
CA LEU A 173 1.79 17.19 -7.99
C LEU A 173 2.05 17.36 -9.51
N LEU A 174 1.91 16.28 -10.29
CA LEU A 174 2.33 16.29 -11.68
C LEU A 174 1.36 16.97 -12.66
N LEU A 175 0.13 17.21 -12.23
CA LEU A 175 -0.91 17.83 -13.07
C LEU A 175 -0.42 19.06 -13.88
N PRO A 176 0.08 20.11 -13.20
CA PRO A 176 0.45 21.28 -13.99
C PRO A 176 1.78 21.13 -14.75
N PHE A 177 2.54 20.06 -14.52
CA PHE A 177 3.76 19.77 -15.31
C PHE A 177 3.52 19.23 -16.72
N GLY A 178 2.29 18.82 -17.03
CA GLY A 178 2.00 18.20 -18.32
C GLY A 178 2.46 16.74 -18.38
N VAL A 179 2.73 16.13 -17.22
CA VAL A 179 3.13 14.72 -17.14
C VAL A 179 1.95 13.98 -16.55
N HIS A 180 1.51 12.93 -17.26
CA HIS A 180 0.27 12.24 -16.94
C HIS A 180 0.54 10.84 -16.52
N LEU A 181 -0.04 10.46 -15.40
CA LEU A 181 0.13 9.17 -14.78
C LEU A 181 -1.21 8.49 -14.78
N SER A 182 -1.26 7.20 -15.14
CA SER A 182 -2.50 6.45 -15.06
C SER A 182 -2.25 5.03 -14.63
N LEU A 183 -3.14 4.53 -13.80
CA LEU A 183 -3.25 3.11 -13.48
C LEU A 183 -4.22 2.39 -14.43
N ILE A 184 -3.82 1.21 -14.93
CA ILE A 184 -4.69 0.32 -15.71
C ILE A 184 -5.16 -0.79 -14.78
N GLU A 185 -6.42 -0.71 -14.34
CA GLU A 185 -6.93 -1.63 -13.30
C GLU A 185 -7.47 -2.90 -13.95
N CYS A 186 -6.74 -4.00 -13.78
CA CYS A 186 -7.10 -5.29 -14.38
C CYS A 186 -7.83 -6.15 -13.41
N GLY A 187 -8.77 -6.92 -13.93
CA GLY A 187 -9.34 -8.03 -13.19
C GLY A 187 -8.46 -9.23 -13.42
N PRO A 188 -9.03 -10.44 -13.31
CA PRO A 188 -8.23 -11.59 -13.65
C PRO A 188 -7.82 -11.60 -15.12
N VAL A 189 -6.56 -11.93 -15.36
CA VAL A 189 -5.97 -12.03 -16.69
C VAL A 189 -5.41 -13.44 -16.85
N HIS A 190 -5.83 -14.12 -17.91
CA HIS A 190 -5.30 -15.46 -18.27
C HIS A 190 -3.98 -15.31 -19.02
N THR A 191 -2.87 -15.73 -18.42
CA THR A 191 -1.56 -15.70 -19.08
C THR A 191 -1.09 -17.16 -19.27
N ALA A 192 0.19 -17.37 -19.62
CA ALA A 192 0.78 -18.73 -19.72
C ALA A 192 1.07 -19.33 -18.35
N GLY A 199 6.22 -22.89 -0.83
CA GLY A 199 5.65 -22.55 -2.12
C GLY A 199 4.46 -23.41 -2.50
N SER A 200 4.62 -24.73 -2.34
CA SER A 200 3.56 -25.69 -2.66
C SER A 200 2.46 -25.67 -1.59
N PRO A 201 1.32 -26.36 -1.84
CA PRO A 201 0.30 -26.56 -0.80
C PRO A 201 0.79 -27.26 0.48
N GLU A 202 1.80 -28.14 0.37
CA GLU A 202 2.33 -28.88 1.53
C GLU A 202 3.02 -27.98 2.55
N GLU A 203 3.83 -27.02 2.08
CA GLU A 203 4.50 -26.06 2.98
C GLU A 203 3.47 -25.16 3.64
N VAL A 204 2.48 -24.72 2.88
CA VAL A 204 1.38 -23.90 3.42
C VAL A 204 0.75 -24.63 4.61
N LEU A 205 0.31 -25.88 4.38
CA LEU A 205 -0.32 -26.68 5.44
C LEU A 205 0.59 -26.85 6.67
N ASP A 206 1.89 -26.99 6.42
CA ASP A 206 2.87 -27.17 7.50
C ASP A 206 3.06 -25.88 8.34
N ARG A 207 2.85 -24.72 7.72
CA ARG A 207 3.07 -23.42 8.37
C ARG A 207 1.81 -22.77 8.96
N THR A 208 0.67 -23.47 8.92
CA THR A 208 -0.62 -22.88 9.36
C THR A 208 -1.59 -23.97 9.84
N ASP A 209 -2.73 -23.56 10.39
CA ASP A 209 -3.71 -24.52 10.89
C ASP A 209 -4.55 -25.15 9.77
N ILE A 210 -5.01 -26.38 10.02
CA ILE A 210 -5.76 -27.18 9.04
C ILE A 210 -7.04 -26.48 8.55
N HIS A 211 -7.62 -25.62 9.41
CA HIS A 211 -8.86 -24.90 9.09
C HIS A 211 -8.62 -23.74 8.15
N THR A 212 -7.53 -23.00 8.37
CA THR A 212 -7.08 -21.93 7.46
C THR A 212 -6.77 -22.54 6.09
N PHE A 213 -6.16 -23.73 6.07
CA PHE A 213 -5.91 -24.42 4.81
C PHE A 213 -7.21 -24.71 4.02
N HIS A 214 -8.24 -25.13 4.73
CA HIS A 214 -9.55 -25.33 4.14
C HIS A 214 -10.15 -24.02 3.60
N ARG A 215 -9.93 -22.93 4.32
CA ARG A 215 -10.39 -21.62 3.84
C ARG A 215 -9.59 -21.25 2.59
N PHE A 216 -8.31 -21.61 2.59
CA PHE A 216 -7.46 -21.44 1.42
C PHE A 216 -7.95 -22.22 0.21
N TYR A 217 -8.34 -23.49 0.41
CA TYR A 217 -8.92 -24.28 -0.66
C TYR A 217 -10.16 -23.64 -1.23
N GLN A 218 -11.11 -23.30 -0.35
CA GLN A 218 -12.35 -22.60 -0.73
C GLN A 218 -12.11 -21.31 -1.53
N TYR A 219 -11.12 -20.51 -1.09
CA TYR A 219 -10.74 -19.29 -1.82
C TYR A 219 -10.25 -19.69 -3.21
N LEU A 220 -9.34 -20.67 -3.28
CA LEU A 220 -8.79 -21.10 -4.57
C LEU A 220 -9.88 -21.61 -5.53
N ALA A 221 -10.88 -22.31 -5.01
CA ALA A 221 -12.02 -22.77 -5.82
C ALA A 221 -12.89 -21.61 -6.33
N HIS A 222 -13.22 -20.66 -5.45
CA HIS A 222 -13.91 -19.44 -5.88
C HIS A 222 -13.11 -18.69 -6.97
N SER A 223 -11.80 -18.59 -6.77
CA SER A 223 -10.95 -17.86 -7.72
C SER A 223 -10.88 -18.51 -9.12
N LYS A 224 -10.77 -19.84 -9.17
CA LYS A 224 -10.91 -20.59 -10.42
C LYS A 224 -12.23 -20.29 -11.15
N GLN A 225 -13.33 -20.30 -10.41
CA GLN A 225 -14.63 -19.96 -11.00
C GLN A 225 -14.66 -18.50 -11.51
N VAL A 226 -14.08 -17.57 -10.75
CA VAL A 226 -13.99 -16.18 -11.18
C VAL A 226 -13.22 -16.09 -12.52
N PHE A 227 -12.12 -16.82 -12.63
CA PHE A 227 -11.31 -16.84 -13.85
C PHE A 227 -12.09 -17.38 -15.05
N ARG A 228 -12.84 -18.46 -14.85
CA ARG A 228 -13.68 -19.04 -15.90
C ARG A 228 -14.82 -18.12 -16.37
N GLU A 229 -15.38 -17.35 -15.47
CA GLU A 229 -16.43 -16.39 -15.85
C GLU A 229 -15.90 -15.08 -16.40
N ALA A 230 -14.70 -14.68 -15.98
CA ALA A 230 -14.29 -13.30 -16.12
C ALA A 230 -12.89 -13.04 -16.62
N ALA A 231 -12.02 -14.05 -16.75
CA ALA A 231 -10.63 -13.78 -17.15
C ALA A 231 -10.58 -13.09 -18.49
N GLN A 232 -9.83 -12.01 -18.57
CA GLN A 232 -9.50 -11.40 -19.83
C GLN A 232 -8.11 -11.92 -20.27
N ASN A 233 -7.78 -11.75 -21.53
CA ASN A 233 -6.45 -12.11 -22.03
C ASN A 233 -5.56 -10.86 -22.14
N PRO A 234 -4.25 -11.07 -22.33
CA PRO A 234 -3.37 -9.90 -22.38
C PRO A 234 -3.59 -9.01 -23.61
N GLU A 235 -4.14 -9.58 -24.69
CA GLU A 235 -4.43 -8.81 -25.91
C GLU A 235 -5.49 -7.72 -25.63
N GLU A 236 -6.47 -8.07 -24.79
CA GLU A 236 -7.57 -7.17 -24.45
C GLU A 236 -7.08 -6.10 -23.51
N VAL A 237 -6.24 -6.48 -22.56
CA VAL A 237 -5.66 -5.53 -21.61
C VAL A 237 -4.74 -4.53 -22.30
N ALA A 238 -3.96 -5.02 -23.24
CA ALA A 238 -3.12 -4.17 -24.07
C ALA A 238 -3.89 -3.04 -24.75
N GLU A 239 -5.13 -3.32 -25.17
CA GLU A 239 -5.95 -2.30 -25.85
C GLU A 239 -6.31 -1.14 -24.90
N VAL A 240 -6.39 -1.43 -23.60
CA VAL A 240 -6.68 -0.41 -22.57
C VAL A 240 -5.48 0.49 -22.31
N PHE A 241 -4.29 -0.12 -22.29
CA PHE A 241 -3.06 0.66 -22.28
C PHE A 241 -2.98 1.60 -23.49
N LEU A 242 -3.37 1.11 -24.67
CA LEU A 242 -3.43 1.97 -25.88
C LEU A 242 -4.40 3.12 -25.77
N THR A 243 -5.60 2.82 -25.28
CA THR A 243 -6.60 3.85 -25.04
C THR A 243 -6.08 4.94 -24.09
N ALA A 244 -5.44 4.54 -22.99
CA ALA A 244 -4.88 5.51 -22.02
C ALA A 244 -3.79 6.35 -22.64
N LEU A 245 -2.90 5.72 -23.39
CA LEU A 245 -1.78 6.45 -23.94
C LEU A 245 -2.15 7.37 -25.09
N ARG A 246 -3.25 7.09 -25.78
CA ARG A 246 -3.79 7.96 -26.83
C ARG A 246 -4.66 9.11 -26.31
N ALA A 247 -5.26 8.98 -25.13
CA ALA A 247 -6.17 10.00 -24.60
C ALA A 247 -5.47 11.39 -24.45
N PRO A 248 -6.02 12.45 -25.06
CA PRO A 248 -5.35 13.76 -24.90
C PRO A 248 -5.30 14.26 -23.44
N LYS A 249 -6.36 14.00 -22.68
CA LYS A 249 -6.42 14.31 -21.24
C LYS A 249 -6.69 13.05 -20.40
N PRO A 250 -5.66 12.23 -20.20
CA PRO A 250 -5.94 10.96 -19.52
C PRO A 250 -6.38 11.10 -18.06
N THR A 251 -7.18 10.13 -17.62
CA THR A 251 -7.66 10.07 -16.26
C THR A 251 -6.64 9.27 -15.45
N LEU A 252 -6.73 9.34 -14.12
CA LEU A 252 -5.81 8.61 -13.22
C LEU A 252 -6.02 7.06 -13.26
N ARG A 253 -7.24 6.59 -13.48
CA ARG A 253 -7.55 5.15 -13.58
C ARG A 253 -8.38 4.82 -14.79
N TYR A 254 -8.03 3.71 -15.45
CA TYR A 254 -8.80 3.04 -16.49
C TYR A 254 -9.18 1.65 -15.97
N PHE A 255 -10.44 1.24 -16.17
CA PHE A 255 -10.85 -0.09 -15.79
C PHE A 255 -10.90 -0.99 -17.03
N THR A 256 -10.24 -2.15 -16.98
CA THR A 256 -10.25 -3.06 -18.14
C THR A 256 -11.54 -3.83 -18.26
N THR A 257 -12.29 -3.92 -17.15
CA THR A 257 -13.52 -4.66 -17.10
C THR A 257 -14.46 -3.98 -16.12
N GLU A 258 -15.73 -4.22 -16.35
CA GLU A 258 -16.83 -3.72 -15.54
C GLU A 258 -17.18 -4.71 -14.44
N ARG A 259 -16.60 -5.91 -14.44
CA ARG A 259 -17.08 -7.01 -13.60
C ARG A 259 -16.93 -6.92 -12.07
N PHE A 260 -15.96 -6.14 -11.57
CA PHE A 260 -15.76 -5.94 -10.14
CA PHE A 260 -15.85 -5.97 -10.13
C PHE A 260 -16.40 -4.65 -9.64
N LEU A 261 -17.04 -3.89 -10.53
CA LEU A 261 -17.71 -2.63 -10.12
C LEU A 261 -18.85 -2.77 -9.06
N PRO A 262 -19.72 -3.80 -9.15
CA PRO A 262 -20.68 -3.92 -8.04
C PRO A 262 -20.02 -4.06 -6.65
N LEU A 263 -18.96 -4.87 -6.54
CA LEU A 263 -18.18 -4.95 -5.29
C LEU A 263 -17.50 -3.63 -4.90
N LEU A 264 -16.95 -2.94 -5.89
CA LEU A 264 -16.27 -1.68 -5.66
C LEU A 264 -17.23 -0.62 -5.14
N ARG A 265 -18.44 -0.56 -5.72
CA ARG A 265 -19.49 0.31 -5.21
C ARG A 265 -19.87 0.05 -3.75
N MET A 266 -20.00 -1.22 -3.38
CA MET A 266 -20.26 -1.63 -1.99
C MET A 266 -19.16 -1.08 -1.06
N ARG A 267 -17.91 -1.24 -1.48
CA ARG A 267 -16.78 -0.67 -0.74
C ARG A 267 -16.87 0.86 -0.68
N LEU A 268 -17.03 1.52 -1.83
CA LEU A 268 -16.99 3.00 -1.86
C LEU A 268 -18.23 3.69 -1.24
N ASP A 269 -19.36 2.98 -1.15
CA ASP A 269 -20.58 3.53 -0.52
C ASP A 269 -20.64 3.37 1.00
N ASP A 270 -19.75 2.59 1.60
CA ASP A 270 -19.71 2.45 3.05
C ASP A 270 -18.26 2.56 3.55
N PRO A 271 -17.81 3.79 3.86
CA PRO A 271 -16.44 4.02 4.33
C PRO A 271 -16.03 3.24 5.60
N SER A 272 -17.00 2.91 6.46
CA SER A 272 -16.80 1.98 7.59
C SER A 272 -16.23 0.62 7.18
N GLY A 273 -16.48 0.19 5.93
CA GLY A 273 -15.94 -1.07 5.40
C GLY A 273 -16.76 -2.29 5.77
N SER A 274 -17.86 -2.08 6.49
CA SER A 274 -18.73 -3.13 6.99
C SER A 274 -19.46 -3.85 5.83
N ASN A 275 -20.00 -3.08 4.90
CA ASN A 275 -20.73 -3.68 3.77
C ASN A 275 -19.80 -4.49 2.88
N TYR A 276 -18.61 -3.95 2.61
CA TYR A 276 -17.63 -4.66 1.78
C TYR A 276 -17.19 -5.98 2.42
N VAL A 277 -16.78 -5.96 3.68
CA VAL A 277 -16.19 -7.15 4.31
C VAL A 277 -17.20 -8.33 4.33
N THR A 278 -18.46 -8.03 4.67
CA THR A 278 -19.52 -9.04 4.71
C THR A 278 -19.80 -9.58 3.31
N ALA A 279 -20.00 -8.67 2.36
CA ALA A 279 -20.26 -8.98 0.96
C ALA A 279 -19.13 -9.77 0.31
N MET A 280 -17.88 -9.35 0.55
CA MET A 280 -16.74 -10.10 0.02
C MET A 280 -16.62 -11.45 0.68
N HIS A 281 -16.90 -11.51 1.99
CA HIS A 281 -16.88 -12.79 2.66
C HIS A 281 -17.92 -13.73 2.06
N ARG A 282 -19.11 -13.20 1.76
CA ARG A 282 -20.17 -13.99 1.09
C ARG A 282 -19.82 -14.39 -0.34
N GLU A 283 -19.37 -13.44 -1.17
CA GLU A 283 -18.81 -13.73 -2.51
C GLU A 283 -17.85 -14.91 -2.56
N VAL A 284 -16.88 -14.94 -1.64
CA VAL A 284 -15.77 -15.89 -1.73
C VAL A 284 -16.13 -17.22 -1.08
N PHE A 285 -16.69 -17.15 0.13
CA PHE A 285 -16.93 -18.32 0.95
C PHE A 285 -18.41 -18.73 0.98
N GLY A 286 -19.23 -18.19 0.06
CA GLY A 286 -20.65 -18.53 -0.02
C GLY A 286 -21.51 -17.77 0.96
N ALA B 2 -10.14 -11.98 35.58
CA ALA B 2 -9.28 -12.01 34.36
C ALA B 2 -9.40 -10.68 33.61
N ARG B 3 -8.27 -10.00 33.44
CA ARG B 3 -8.23 -8.72 32.77
C ARG B 3 -8.09 -8.86 31.24
N THR B 4 -8.48 -7.83 30.51
CA THR B 4 -8.24 -7.78 29.09
C THR B 4 -6.75 -7.46 28.85
N VAL B 5 -6.01 -8.39 28.26
CA VAL B 5 -4.57 -8.21 27.98
C VAL B 5 -4.38 -7.48 26.64
N VAL B 6 -3.69 -6.34 26.70
CA VAL B 6 -3.50 -5.44 25.58
C VAL B 6 -1.99 -5.33 25.39
N LEU B 7 -1.54 -5.52 24.16
CA LEU B 7 -0.16 -5.23 23.80
C LEU B 7 -0.15 -4.15 22.71
N ILE B 8 0.62 -3.08 22.92
CA ILE B 8 0.64 -1.90 22.04
C ILE B 8 2.07 -1.62 21.57
N THR B 9 2.28 -1.44 20.27
CA THR B 9 3.61 -1.04 19.75
C THR B 9 3.79 0.50 19.72
N GLY B 10 5.04 0.92 19.86
CA GLY B 10 5.42 2.35 19.79
C GLY B 10 4.88 3.23 20.90
N CYS B 11 5.18 2.88 22.15
CA CYS B 11 4.60 3.58 23.31
C CYS B 11 5.46 4.68 23.94
N SER B 12 6.55 5.08 23.28
CA SER B 12 7.43 6.07 23.88
C SER B 12 6.84 7.48 23.83
N SER B 13 5.91 7.73 22.91
CA SER B 13 5.23 9.00 22.85
C SER B 13 3.98 8.86 22.03
N GLY B 14 3.27 9.97 21.87
CA GLY B 14 2.17 10.08 20.94
C GLY B 14 1.01 9.18 21.28
N ILE B 15 0.43 8.60 20.24
CA ILE B 15 -0.80 7.83 20.38
C ILE B 15 -0.60 6.62 21.28
N GLY B 16 0.49 5.90 21.08
CA GLY B 16 0.80 4.70 21.87
C GLY B 16 0.98 4.93 23.36
N LEU B 17 1.71 5.99 23.71
CA LEU B 17 1.85 6.43 25.11
C LEU B 17 0.50 6.72 25.76
N HIS B 18 -0.26 7.60 25.13
CA HIS B 18 -1.54 8.03 25.67
C HIS B 18 -2.59 6.92 25.72
N LEU B 19 -2.60 6.01 24.76
CA LEU B 19 -3.50 4.86 24.85
C LEU B 19 -3.13 3.89 25.98
N ALA B 20 -1.83 3.59 26.11
CA ALA B 20 -1.34 2.74 27.20
C ALA B 20 -1.77 3.26 28.58
N VAL B 21 -1.52 4.55 28.84
CA VAL B 21 -1.86 5.15 30.16
C VAL B 21 -3.38 5.28 30.36
N ARG B 22 -4.10 5.59 29.29
CA ARG B 22 -5.56 5.58 29.33
C ARG B 22 -6.15 4.23 29.73
N LEU B 23 -5.66 3.16 29.12
CA LEU B 23 -6.19 1.84 29.46
C LEU B 23 -5.73 1.41 30.85
N ALA B 24 -4.45 1.62 31.17
CA ALA B 24 -3.91 1.21 32.46
C ALA B 24 -4.63 1.93 33.64
N SER B 25 -4.99 3.20 33.46
CA SER B 25 -5.65 4.01 34.48
C SER B 25 -7.18 4.02 34.41
N ASP B 26 -7.78 3.21 33.55
CA ASP B 26 -9.22 3.17 33.42
C ASP B 26 -9.87 2.81 34.79
N PRO B 27 -10.91 3.55 35.23
CA PRO B 27 -11.58 3.27 36.52
C PRO B 27 -12.05 1.82 36.69
N SER B 28 -12.49 1.18 35.61
CA SER B 28 -12.87 -0.26 35.63
C SER B 28 -11.76 -1.22 36.05
N GLN B 29 -10.49 -0.81 35.87
CA GLN B 29 -9.32 -1.66 36.14
C GLN B 29 -9.32 -3.01 35.38
N SER B 30 -9.99 -3.06 34.23
CA SER B 30 -10.13 -4.30 33.47
C SER B 30 -8.98 -4.56 32.47
N PHE B 31 -8.04 -3.62 32.33
CA PHE B 31 -6.92 -3.79 31.36
C PHE B 31 -5.55 -4.06 31.99
N LYS B 32 -4.83 -5.04 31.43
CA LYS B 32 -3.43 -5.28 31.71
C LYS B 32 -2.71 -4.89 30.41
N VAL B 33 -1.82 -3.91 30.49
CA VAL B 33 -1.22 -3.32 29.29
C VAL B 33 0.25 -3.64 29.23
N TYR B 34 0.66 -4.29 28.15
CA TYR B 34 2.07 -4.36 27.77
C TYR B 34 2.34 -3.25 26.77
N ALA B 35 2.99 -2.19 27.24
CA ALA B 35 3.42 -1.12 26.38
C ALA B 35 4.81 -1.44 25.85
N THR B 36 4.98 -1.53 24.54
CA THR B 36 6.31 -1.85 23.97
C THR B 36 6.95 -0.63 23.33
N LEU B 37 8.28 -0.60 23.33
CA LEU B 37 9.09 0.51 22.85
C LEU B 37 10.31 -0.08 22.17
N ARG B 38 10.79 0.61 21.14
CA ARG B 38 12.02 0.21 20.46
C ARG B 38 13.24 0.19 21.42
N ASP B 39 13.34 1.18 22.29
CA ASP B 39 14.42 1.27 23.29
C ASP B 39 13.82 1.61 24.63
N LEU B 40 13.98 0.72 25.61
CA LEU B 40 13.46 0.97 26.97
C LEU B 40 13.99 2.26 27.65
N LYS B 41 15.13 2.77 27.20
CA LYS B 41 15.71 4.00 27.73
C LYS B 41 14.90 5.25 27.40
N THR B 42 13.96 5.16 26.44
CA THR B 42 13.01 6.25 26.15
C THR B 42 11.70 6.20 26.96
N GLN B 43 11.57 5.28 27.92
CA GLN B 43 10.29 5.07 28.63
C GLN B 43 9.88 6.06 29.73
N GLY B 44 10.69 7.09 29.97
CA GLY B 44 10.45 8.08 31.00
C GLY B 44 9.11 8.79 30.96
N ARG B 45 8.78 9.36 29.80
CA ARG B 45 7.52 10.11 29.67
C ARG B 45 6.34 9.17 29.86
N LEU B 46 6.43 7.97 29.29
CA LEU B 46 5.39 6.97 29.48
C LEU B 46 5.09 6.77 30.98
N TRP B 47 6.13 6.46 31.76
CA TRP B 47 5.95 6.17 33.19
C TRP B 47 5.59 7.39 34.03
N GLU B 48 6.12 8.57 33.68
CA GLU B 48 5.73 9.81 34.36
C GLU B 48 4.25 10.07 34.18
N ALA B 49 3.77 9.88 32.96
CA ALA B 49 2.32 9.98 32.68
C ALA B 49 1.50 8.95 33.46
N ALA B 50 1.97 7.71 33.50
CA ALA B 50 1.30 6.65 34.25
C ALA B 50 1.21 6.98 35.75
N ARG B 51 2.28 7.56 36.32
CA ARG B 51 2.30 7.93 37.74
C ARG B 51 1.31 9.10 38.00
N ALA B 52 1.29 10.08 37.11
CA ALA B 52 0.38 11.23 37.26
C ALA B 52 -1.10 10.80 37.17
N LEU B 53 -1.39 9.69 36.51
CA LEU B 53 -2.72 9.13 36.43
C LEU B 53 -2.95 7.95 37.40
N ALA B 54 -1.99 7.73 38.30
CA ALA B 54 -2.12 6.71 39.34
C ALA B 54 -2.51 5.34 38.77
N CYS B 55 -1.82 4.89 37.72
CA CYS B 55 -2.04 3.54 37.18
C CYS B 55 -1.65 2.54 38.25
N PRO B 56 -2.56 1.60 38.62
CA PRO B 56 -2.18 0.67 39.70
C PRO B 56 -0.95 -0.20 39.39
N PRO B 57 -0.27 -0.73 40.45
CA PRO B 57 0.83 -1.67 40.22
C PRO B 57 0.33 -2.86 39.45
N GLY B 58 1.10 -3.34 38.49
CA GLY B 58 0.64 -4.44 37.59
C GLY B 58 -0.42 -4.11 36.51
N SER B 59 -0.85 -2.85 36.41
CA SER B 59 -1.74 -2.48 35.29
C SER B 59 -0.92 -2.29 33.99
N LEU B 60 0.37 -1.99 34.12
CA LEU B 60 1.22 -1.55 33.03
C LEU B 60 2.58 -2.21 33.17
N GLU B 61 3.05 -2.82 32.09
CA GLU B 61 4.45 -3.28 31.97
C GLU B 61 5.02 -2.81 30.64
N THR B 62 6.33 -2.61 30.60
CA THR B 62 7.01 -2.30 29.35
C THR B 62 7.91 -3.44 28.89
N LEU B 63 7.93 -3.63 27.57
CA LEU B 63 8.83 -4.57 26.92
C LEU B 63 9.54 -3.87 25.79
N GLN B 64 10.77 -4.27 25.50
CA GLN B 64 11.48 -3.82 24.31
C GLN B 64 10.92 -4.62 23.14
N LEU B 65 10.59 -3.93 22.05
CA LEU B 65 10.09 -4.58 20.83
C LEU B 65 10.45 -3.69 19.66
N ASP B 66 11.35 -4.14 18.78
CA ASP B 66 11.64 -3.45 17.52
C ASP B 66 10.88 -4.17 16.41
N VAL B 67 9.89 -3.49 15.83
CA VAL B 67 9.04 -4.10 14.78
C VAL B 67 9.77 -4.48 13.48
N ARG B 68 11.02 -4.02 13.33
CA ARG B 68 11.89 -4.38 12.20
C ARG B 68 12.56 -5.73 12.33
N ASP B 69 12.34 -6.43 13.44
CA ASP B 69 13.11 -7.63 13.76
C ASP B 69 12.19 -8.68 14.34
N SER B 70 11.99 -9.76 13.61
CA SER B 70 11.08 -10.81 14.08
C SER B 70 11.59 -11.54 15.32
N LYS B 71 12.90 -11.51 15.60
CA LYS B 71 13.45 -12.06 16.85
C LYS B 71 13.01 -11.27 18.08
N SER B 72 13.04 -9.94 17.96
CA SER B 72 12.53 -9.04 18.99
C SER B 72 11.02 -9.23 19.19
N VAL B 73 10.27 -9.37 18.11
CA VAL B 73 8.81 -9.60 18.21
C VAL B 73 8.50 -10.89 18.98
N ALA B 74 9.23 -11.97 18.62
CA ALA B 74 9.10 -13.28 19.24
C ALA B 74 9.44 -13.25 20.72
N ALA B 75 10.57 -12.62 21.08
CA ALA B 75 10.98 -12.49 22.50
C ALA B 75 9.94 -11.70 23.32
N ALA B 76 9.36 -10.65 22.72
CA ALA B 76 8.33 -9.86 23.40
C ALA B 76 7.10 -10.71 23.64
N ARG B 77 6.70 -11.49 22.64
CA ARG B 77 5.57 -12.42 22.76
C ARG B 77 5.79 -13.42 23.92
N GLU B 78 7.01 -13.93 24.06
CA GLU B 78 7.35 -14.85 25.15
C GLU B 78 7.22 -14.24 26.56
N ARG B 79 7.35 -12.92 26.66
CA ARG B 79 7.23 -12.21 27.93
C ARG B 79 5.79 -11.99 28.42
N VAL B 80 4.80 -12.22 27.57
CA VAL B 80 3.40 -12.02 27.97
C VAL B 80 2.95 -13.16 28.89
N THR B 81 3.07 -12.92 30.20
CA THR B 81 2.93 -13.99 31.18
C THR B 81 1.56 -14.69 31.16
N GLU B 82 0.52 -13.98 30.77
CA GLU B 82 -0.83 -14.53 30.73
C GLU B 82 -1.02 -15.61 29.63
N GLY B 83 -0.13 -15.66 28.65
CA GLY B 83 -0.21 -16.64 27.57
C GLY B 83 -1.29 -16.33 26.54
N ARG B 84 -1.70 -15.07 26.47
CA ARG B 84 -2.63 -14.62 25.45
C ARG B 84 -2.55 -13.10 25.28
N VAL B 85 -2.95 -12.61 24.12
CA VAL B 85 -3.21 -11.21 23.94
C VAL B 85 -4.63 -11.11 23.48
N ASP B 86 -5.45 -10.32 24.18
CA ASP B 86 -6.85 -10.11 23.80
C ASP B 86 -7.01 -8.96 22.81
N VAL B 87 -6.12 -7.96 22.90
CA VAL B 87 -6.13 -6.80 22.01
C VAL B 87 -4.71 -6.47 21.57
N LEU B 88 -4.45 -6.53 20.26
CA LEU B 88 -3.15 -6.16 19.70
C LEU B 88 -3.34 -4.82 19.00
N VAL B 89 -2.52 -3.85 19.39
CA VAL B 89 -2.57 -2.52 18.81
C VAL B 89 -1.28 -2.29 18.04
N CYS B 90 -1.38 -2.26 16.71
CA CYS B 90 -0.22 -2.09 15.83
C CYS B 90 -0.14 -0.62 15.50
N ASN B 91 0.82 0.06 16.11
CA ASN B 91 0.84 1.51 16.08
C ASN B 91 2.18 2.14 15.66
N ALA B 92 3.29 1.52 16.01
CA ALA B 92 4.62 2.01 15.57
C ALA B 92 4.64 2.38 14.07
N GLY B 93 5.07 3.61 13.75
CA GLY B 93 5.10 4.10 12.35
C GLY B 93 6.11 5.20 12.09
N LEU B 94 6.40 5.44 10.80
CA LEU B 94 7.39 6.42 10.35
C LEU B 94 6.79 7.30 9.24
N GLY B 95 7.19 8.56 9.21
CA GLY B 95 6.83 9.50 8.17
C GLY B 95 7.97 9.66 7.18
N LEU B 96 7.67 10.18 6.00
CA LEU B 96 8.69 10.52 5.03
C LEU B 96 8.12 11.57 4.10
N LEU B 97 8.78 12.72 4.07
CA LEU B 97 8.28 13.90 3.40
C LEU B 97 9.31 14.47 2.44
N GLY B 98 8.92 14.68 1.19
CA GLY B 98 9.81 15.33 0.22
C GLY B 98 9.58 14.99 -1.22
N PRO B 99 10.27 15.70 -2.13
CA PRO B 99 10.26 15.29 -3.54
C PRO B 99 10.69 13.83 -3.68
N LEU B 100 9.95 13.04 -4.46
CA LEU B 100 10.24 11.60 -4.66
C LEU B 100 11.70 11.37 -5.04
N GLU B 101 12.14 12.09 -6.06
CA GLU B 101 13.54 12.00 -6.53
C GLU B 101 14.58 12.49 -5.53
N ALA B 102 14.19 13.21 -4.48
CA ALA B 102 15.12 13.60 -3.40
C ALA B 102 15.25 12.58 -2.28
N LEU B 103 14.40 11.55 -2.27
CA LEU B 103 14.36 10.55 -1.17
C LEU B 103 15.38 9.46 -1.41
N GLY B 104 16.12 9.09 -0.37
CA GLY B 104 17.09 8.00 -0.45
C GLY B 104 16.42 6.64 -0.39
N GLU B 105 17.06 5.67 -1.01
CA GLU B 105 16.49 4.34 -1.16
C GLU B 105 16.31 3.63 0.18
N ASP B 106 17.23 3.87 1.10
CA ASP B 106 17.18 3.30 2.45
C ASP B 106 16.07 3.91 3.32
N ALA B 107 15.74 5.19 3.11
CA ALA B 107 14.62 5.83 3.77
C ALA B 107 13.31 5.23 3.26
N VAL B 108 13.19 5.08 1.94
CA VAL B 108 12.04 4.45 1.31
C VAL B 108 11.83 3.02 1.86
N ALA B 109 12.90 2.22 1.83
CA ALA B 109 12.89 0.85 2.34
C ALA B 109 12.49 0.77 3.82
N SER B 110 13.01 1.71 4.61
CA SER B 110 12.72 1.80 6.03
C SER B 110 11.27 2.13 6.37
N VAL B 111 10.66 3.05 5.63
CA VAL B 111 9.25 3.38 5.87
C VAL B 111 8.38 2.15 5.58
N LEU B 112 8.64 1.45 4.48
CA LEU B 112 7.89 0.24 4.14
C LEU B 112 8.12 -0.86 5.16
N ASP B 113 9.37 -1.02 5.61
CA ASP B 113 9.71 -2.08 6.58
C ASP B 113 9.01 -1.87 7.92
N VAL B 114 8.92 -0.62 8.37
CA VAL B 114 8.28 -0.29 9.64
C VAL B 114 6.78 -0.29 9.46
N ASN B 115 6.27 0.50 8.51
CA ASN B 115 4.83 0.74 8.45
C ASN B 115 4.05 -0.48 7.94
N VAL B 116 4.66 -1.27 7.04
CA VAL B 116 3.99 -2.43 6.46
C VAL B 116 4.50 -3.74 7.04
N VAL B 117 5.79 -4.01 6.84
CA VAL B 117 6.33 -5.34 7.21
C VAL B 117 6.33 -5.49 8.73
N GLY B 118 6.58 -4.38 9.43
CA GLY B 118 6.40 -4.32 10.89
C GLY B 118 5.05 -4.84 11.33
N THR B 119 3.98 -4.41 10.67
CA THR B 119 2.64 -4.87 11.00
C THR B 119 2.46 -6.34 10.61
N VAL B 120 3.04 -6.77 9.49
CA VAL B 120 3.02 -8.17 9.08
C VAL B 120 3.69 -9.03 10.17
N ARG B 121 4.86 -8.61 10.63
CA ARG B 121 5.61 -9.34 11.67
C ARG B 121 4.80 -9.55 12.94
N MET B 122 4.14 -8.49 13.39
CA MET B 122 3.24 -8.52 14.55
C MET B 122 2.07 -9.47 14.37
N LEU B 123 1.42 -9.38 13.21
CA LEU B 123 0.28 -10.24 12.89
C LEU B 123 0.66 -11.72 12.77
N GLN B 124 1.83 -12.01 12.21
CA GLN B 124 2.33 -13.37 12.11
C GLN B 124 2.62 -13.98 13.48
N ALA B 125 3.13 -13.16 14.40
CA ALA B 125 3.44 -13.59 15.76
C ALA B 125 2.20 -13.83 16.60
N PHE B 126 1.22 -12.91 16.54
CA PHE B 126 0.07 -12.95 17.46
C PHE B 126 -1.28 -13.46 16.89
N LEU B 127 -1.46 -13.45 15.57
CA LEU B 127 -2.75 -13.91 15.00
C LEU B 127 -3.04 -15.40 15.22
N PRO B 128 -2.03 -16.29 15.07
CA PRO B 128 -2.32 -17.74 15.19
C PRO B 128 -2.98 -18.14 16.51
N ASP B 129 -2.52 -17.58 17.62
CA ASP B 129 -3.14 -17.86 18.92
C ASP B 129 -4.55 -17.29 19.02
N MET B 130 -4.80 -16.11 18.46
CA MET B 130 -6.14 -15.56 18.44
C MET B 130 -7.10 -16.45 17.60
N LYS B 131 -6.64 -16.86 16.42
CA LYS B 131 -7.49 -17.68 15.53
C LYS B 131 -7.89 -19.00 16.19
N ARG B 132 -6.95 -19.63 16.88
CA ARG B 132 -7.24 -20.90 17.52
C ARG B 132 -7.96 -20.76 18.87
N ARG B 133 -7.97 -19.57 19.45
CA ARG B 133 -8.84 -19.27 20.61
C ARG B 133 -10.24 -18.84 20.17
N GLY B 134 -10.38 -18.39 18.93
CA GLY B 134 -11.67 -17.87 18.46
C GLY B 134 -12.02 -16.49 18.96
N SER B 135 -11.01 -15.73 19.39
CA SER B 135 -11.27 -14.39 19.90
C SER B 135 -10.00 -13.54 19.90
N GLY B 136 -10.20 -12.26 19.75
CA GLY B 136 -9.12 -11.33 19.74
C GLY B 136 -9.52 -10.12 18.95
N ARG B 137 -8.96 -8.98 19.32
CA ARG B 137 -9.17 -7.75 18.59
CA ARG B 137 -9.16 -7.72 18.60
C ARG B 137 -7.81 -7.17 18.15
N VAL B 138 -7.72 -6.80 16.89
CA VAL B 138 -6.55 -6.13 16.35
C VAL B 138 -6.94 -4.70 16.01
N LEU B 139 -6.22 -3.72 16.56
CA LEU B 139 -6.42 -2.31 16.22
C LEU B 139 -5.14 -1.75 15.59
N VAL B 140 -5.29 -1.05 14.47
CA VAL B 140 -4.13 -0.64 13.67
C VAL B 140 -4.25 0.87 13.46
N THR B 141 -3.15 1.60 13.69
CA THR B 141 -3.15 3.05 13.48
C THR B 141 -3.13 3.33 11.99
N GLY B 142 -4.19 3.94 11.48
CA GLY B 142 -4.26 4.28 10.04
C GLY B 142 -4.00 5.76 9.88
N SER B 143 -4.13 6.27 8.66
CA SER B 143 -3.99 7.70 8.42
C SER B 143 -4.92 8.17 7.31
N VAL B 144 -5.24 9.47 7.31
CA VAL B 144 -5.87 10.09 6.16
C VAL B 144 -4.97 9.88 4.92
N GLY B 145 -3.66 9.84 5.11
CA GLY B 145 -2.72 9.46 4.05
C GLY B 145 -2.82 8.02 3.51
N GLY B 146 -3.49 7.12 4.23
CA GLY B 146 -3.83 5.78 3.69
C GLY B 146 -5.15 5.74 2.95
N LEU B 147 -5.91 6.83 3.03
CA LEU B 147 -7.21 6.93 2.38
C LEU B 147 -7.19 7.82 1.13
N MET B 148 -6.19 8.67 0.97
CA MET B 148 -6.15 9.56 -0.18
C MET B 148 -4.68 9.97 -0.37
N GLY B 149 -4.26 10.15 -1.63
CA GLY B 149 -2.88 10.49 -1.92
C GLY B 149 -2.60 11.95 -1.60
N LEU B 150 -1.49 12.23 -0.92
CA LEU B 150 -1.09 13.58 -0.56
C LEU B 150 0.22 13.90 -1.24
N PRO B 151 0.29 15.04 -1.98
CA PRO B 151 1.57 15.42 -2.63
C PRO B 151 2.73 15.54 -1.62
N PHE B 152 3.90 15.09 -2.06
CA PHE B 152 5.15 15.08 -1.29
C PHE B 152 5.18 14.09 -0.13
N ASN B 153 4.15 13.25 -0.05
CA ASN B 153 4.07 12.14 0.88
C ASN B 153 3.91 10.81 0.14
N ASP B 154 4.51 10.71 -1.05
CA ASP B 154 4.25 9.65 -2.02
C ASP B 154 4.52 8.26 -1.39
N VAL B 155 5.68 8.14 -0.73
CA VAL B 155 6.07 6.90 -0.08
C VAL B 155 5.34 6.66 1.23
N TYR B 156 5.17 7.72 2.00
CA TYR B 156 4.35 7.60 3.22
C TYR B 156 2.92 7.10 2.86
N CYS B 157 2.29 7.73 1.85
CA CYS B 157 0.95 7.34 1.45
C CYS B 157 0.94 5.91 0.92
N ALA B 158 1.95 5.53 0.12
CA ALA B 158 2.06 4.15 -0.35
C ALA B 158 2.06 3.17 0.82
N SER B 159 2.81 3.47 1.86
CA SER B 159 2.86 2.62 3.09
C SER B 159 1.54 2.56 3.87
N LYS B 160 0.80 3.68 3.94
CA LYS B 160 -0.50 3.69 4.65
C LYS B 160 -1.64 3.07 3.82
N PHE B 161 -1.62 3.29 2.50
CA PHE B 161 -2.50 2.58 1.56
C PHE B 161 -2.28 1.04 1.65
N ALA B 162 -1.00 0.64 1.69
CA ALA B 162 -0.60 -0.76 1.85
C ALA B 162 -1.20 -1.40 3.10
N LEU B 163 -1.13 -0.70 4.23
CA LEU B 163 -1.78 -1.12 5.47
C LEU B 163 -3.26 -1.35 5.27
N GLU B 164 -3.91 -0.40 4.60
CA GLU B 164 -5.34 -0.54 4.31
C GLU B 164 -5.62 -1.86 3.58
N GLY B 165 -4.84 -2.16 2.54
CA GLY B 165 -5.03 -3.37 1.76
C GLY B 165 -4.73 -4.65 2.54
N LEU B 166 -3.68 -4.62 3.34
CA LEU B 166 -3.34 -5.74 4.23
C LEU B 166 -4.48 -6.07 5.20
N CYS B 167 -4.93 -5.04 5.91
CA CYS B 167 -5.96 -5.19 6.94
C CYS B 167 -7.29 -5.58 6.38
N GLU B 168 -7.68 -4.98 5.26
CA GLU B 168 -8.94 -5.30 4.64
C GLU B 168 -9.00 -6.76 4.16
N SER B 169 -7.93 -7.20 3.48
CA SER B 169 -7.78 -8.60 3.06
C SER B 169 -7.92 -9.60 4.22
N LEU B 170 -7.23 -9.29 5.31
CA LEU B 170 -7.30 -10.09 6.53
C LEU B 170 -8.68 -10.07 7.14
N ALA B 171 -9.29 -8.89 7.24
CA ALA B 171 -10.61 -8.80 7.85
C ALA B 171 -11.63 -9.76 7.20
N VAL B 172 -11.54 -9.92 5.88
CA VAL B 172 -12.46 -10.79 5.15
C VAL B 172 -12.28 -12.25 5.63
N LEU B 173 -11.04 -12.69 5.78
CA LEU B 173 -10.75 -14.03 6.25
C LEU B 173 -11.07 -14.23 7.76
N LEU B 174 -10.77 -13.22 8.58
CA LEU B 174 -10.88 -13.35 10.03
C LEU B 174 -12.31 -13.31 10.54
N LEU B 175 -13.25 -12.87 9.71
CA LEU B 175 -14.64 -12.71 10.11
C LEU B 175 -15.23 -13.97 10.79
N PRO B 176 -15.12 -15.17 10.18
CA PRO B 176 -15.64 -16.39 10.86
C PRO B 176 -14.80 -16.93 12.03
N PHE B 177 -13.51 -16.59 12.10
CA PHE B 177 -12.65 -17.03 13.22
C PHE B 177 -12.94 -16.33 14.56
N GLY B 178 -13.81 -15.32 14.57
CA GLY B 178 -14.10 -14.53 15.77
C GLY B 178 -13.05 -13.46 16.09
N VAL B 179 -12.08 -13.23 15.20
CA VAL B 179 -11.06 -12.21 15.39
C VAL B 179 -11.44 -10.98 14.56
N HIS B 180 -11.48 -9.81 15.22
CA HIS B 180 -11.99 -8.59 14.63
C HIS B 180 -10.85 -7.60 14.47
N LEU B 181 -10.68 -7.08 13.27
CA LEU B 181 -9.62 -6.15 12.97
C LEU B 181 -10.21 -4.79 12.61
N SER B 182 -9.65 -3.71 13.14
CA SER B 182 -10.09 -2.39 12.78
C SER B 182 -8.91 -1.45 12.60
N LEU B 183 -9.07 -0.55 11.62
CA LEU B 183 -8.20 0.61 11.43
C LEU B 183 -8.78 1.86 12.07
N ILE B 184 -7.90 2.61 12.73
CA ILE B 184 -8.25 3.87 13.35
C ILE B 184 -7.65 4.96 12.46
N GLU B 185 -8.51 5.69 11.74
CA GLU B 185 -8.06 6.65 10.75
C GLU B 185 -7.93 8.05 11.36
N CYS B 186 -6.68 8.46 11.56
CA CYS B 186 -6.31 9.74 12.19
C CYS B 186 -5.98 10.79 11.18
N GLY B 187 -6.34 12.05 11.48
CA GLY B 187 -5.76 13.20 10.79
C GLY B 187 -4.35 13.43 11.35
N PRO B 188 -3.77 14.61 11.08
CA PRO B 188 -2.50 14.91 11.73
C PRO B 188 -2.63 14.99 13.26
N VAL B 189 -1.60 14.53 13.96
CA VAL B 189 -1.58 14.51 15.40
C VAL B 189 -0.47 15.45 15.93
N HIS B 190 -0.85 16.35 16.84
CA HIS B 190 0.07 17.15 17.68
C HIS B 190 0.85 16.25 18.63
N THR B 191 2.14 16.03 18.40
CA THR B 191 2.96 15.33 19.41
C THR B 191 4.25 16.09 19.68
N GLY B 199 15.72 18.01 5.80
CA GLY B 199 16.81 18.58 5.01
C GLY B 199 16.69 20.07 4.84
N SER B 200 17.82 20.76 4.69
CA SER B 200 17.82 22.22 4.48
C SER B 200 17.26 22.56 3.08
N PRO B 201 16.78 23.81 2.88
CA PRO B 201 16.33 24.27 1.56
C PRO B 201 17.34 23.97 0.43
N GLU B 202 18.59 24.36 0.65
CA GLU B 202 19.64 24.20 -0.38
C GLU B 202 19.89 22.73 -0.74
N GLU B 203 19.84 21.85 0.26
CA GLU B 203 19.97 20.39 0.04
C GLU B 203 18.79 19.79 -0.75
N VAL B 204 17.57 20.23 -0.46
CA VAL B 204 16.40 19.81 -1.25
C VAL B 204 16.46 20.37 -2.67
N LEU B 205 16.88 21.64 -2.82
CA LEU B 205 16.99 22.28 -4.14
C LEU B 205 18.02 21.61 -5.03
N ASP B 206 19.10 21.11 -4.43
CA ASP B 206 20.09 20.31 -5.16
C ASP B 206 19.51 19.04 -5.80
N ARG B 207 18.48 18.45 -5.17
CA ARG B 207 17.99 17.12 -5.55
C ARG B 207 16.72 17.16 -6.39
N THR B 208 16.33 18.35 -6.85
CA THR B 208 15.16 18.48 -7.68
C THR B 208 15.19 19.77 -8.49
N ASP B 209 14.19 19.94 -9.33
CA ASP B 209 14.04 21.13 -10.14
C ASP B 209 13.40 22.30 -9.35
N ILE B 210 13.64 23.51 -9.86
CA ILE B 210 13.15 24.77 -9.29
C ILE B 210 11.62 24.76 -9.13
N HIS B 211 10.89 24.19 -10.09
CA HIS B 211 9.42 24.22 -10.03
C HIS B 211 8.86 23.30 -8.94
N THR B 212 9.43 22.11 -8.81
CA THR B 212 9.08 21.19 -7.76
C THR B 212 9.42 21.76 -6.38
N PHE B 213 10.63 22.29 -6.25
CA PHE B 213 11.04 23.03 -5.02
C PHE B 213 10.00 24.06 -4.58
N HIS B 214 9.48 24.83 -5.53
CA HIS B 214 8.45 25.84 -5.26
C HIS B 214 7.12 25.21 -4.78
N ARG B 215 6.72 24.13 -5.45
CA ARG B 215 5.52 23.40 -5.03
C ARG B 215 5.72 22.82 -3.64
N PHE B 216 6.91 22.34 -3.33
CA PHE B 216 7.21 21.84 -2.01
C PHE B 216 7.05 22.88 -0.91
N TYR B 217 7.62 24.07 -1.16
CA TYR B 217 7.40 25.21 -0.26
C TYR B 217 5.92 25.45 -0.05
N GLN B 218 5.14 25.50 -1.14
CA GLN B 218 3.69 25.75 -1.05
C GLN B 218 2.93 24.69 -0.27
N TYR B 219 3.31 23.43 -0.44
CA TYR B 219 2.70 22.33 0.27
C TYR B 219 3.02 22.48 1.75
N LEU B 220 4.29 22.77 2.07
CA LEU B 220 4.72 23.00 3.46
C LEU B 220 3.96 24.16 4.12
N ALA B 221 3.75 25.25 3.38
CA ALA B 221 2.93 26.36 3.86
C ALA B 221 1.49 25.93 4.13
N HIS B 222 0.86 25.29 3.16
CA HIS B 222 -0.51 24.81 3.34
C HIS B 222 -0.60 23.81 4.51
N SER B 223 0.36 22.91 4.61
CA SER B 223 0.38 21.92 5.68
C SER B 223 0.50 22.52 7.08
N LYS B 224 1.35 23.54 7.24
CA LYS B 224 1.38 24.31 8.49
C LYS B 224 -0.01 24.80 8.91
N GLN B 225 -0.80 25.29 7.95
CA GLN B 225 -2.12 25.84 8.24
C GLN B 225 -3.18 24.77 8.53
N VAL B 226 -3.20 23.68 7.76
CA VAL B 226 -4.04 22.51 8.07
C VAL B 226 -3.75 22.02 9.51
N PHE B 227 -2.47 22.00 9.89
CA PHE B 227 -2.06 21.53 11.22
C PHE B 227 -2.63 22.40 12.35
N ARG B 228 -2.53 23.72 12.21
CA ARG B 228 -3.13 24.67 13.18
C ARG B 228 -4.65 24.53 13.26
N GLU B 229 -5.31 24.48 12.10
CA GLU B 229 -6.76 24.24 12.01
C GLU B 229 -7.16 22.89 12.61
N ALA B 230 -6.37 21.84 12.33
CA ALA B 230 -6.87 20.47 12.38
C ALA B 230 -6.14 19.44 13.20
N ALA B 231 -4.92 19.72 13.67
CA ALA B 231 -4.15 18.69 14.37
C ALA B 231 -4.91 18.21 15.62
N GLN B 232 -4.84 16.91 15.88
CA GLN B 232 -5.54 16.32 17.00
C GLN B 232 -4.60 16.04 18.16
N ASN B 233 -5.16 16.06 19.36
CA ASN B 233 -4.47 15.66 20.58
CA ASN B 233 -4.36 15.68 20.51
C ASN B 233 -4.35 14.16 20.55
N PRO B 234 -3.23 13.57 21.02
CA PRO B 234 -3.17 12.11 21.07
C PRO B 234 -4.18 11.47 22.06
N GLU B 235 -4.60 12.21 23.08
CA GLU B 235 -5.63 11.74 24.01
C GLU B 235 -6.96 11.45 23.28
N GLU B 236 -7.34 12.34 22.36
CA GLU B 236 -8.56 12.13 21.56
C GLU B 236 -8.45 10.87 20.73
N VAL B 237 -7.31 10.70 20.06
CA VAL B 237 -7.12 9.54 19.19
C VAL B 237 -7.15 8.26 20.00
N ALA B 238 -6.45 8.25 21.13
CA ALA B 238 -6.46 7.09 22.03
C ALA B 238 -7.88 6.73 22.49
N GLU B 239 -8.70 7.75 22.72
CA GLU B 239 -10.08 7.53 23.14
C GLU B 239 -10.88 6.81 22.03
N VAL B 240 -10.63 7.17 20.78
CA VAL B 240 -11.26 6.46 19.64
C VAL B 240 -10.80 4.99 19.55
N PHE B 241 -9.54 4.69 19.85
CA PHE B 241 -9.12 3.29 20.00
C PHE B 241 -9.95 2.55 21.04
N LEU B 242 -10.21 3.20 22.18
CA LEU B 242 -10.99 2.56 23.25
C LEU B 242 -12.43 2.33 22.83
N THR B 243 -13.00 3.31 22.12
CA THR B 243 -14.35 3.14 21.53
C THR B 243 -14.40 1.87 20.65
N ALA B 244 -13.45 1.74 19.72
CA ALA B 244 -13.39 0.58 18.84
C ALA B 244 -13.16 -0.68 19.65
N LEU B 245 -12.26 -0.61 20.63
CA LEU B 245 -11.93 -1.76 21.47
C LEU B 245 -13.15 -2.34 22.18
N ARG B 246 -14.05 -1.47 22.67
CA ARG B 246 -15.25 -1.91 23.40
C ARG B 246 -16.53 -2.10 22.54
N ALA B 247 -16.47 -1.82 21.24
CA ALA B 247 -17.64 -2.02 20.36
C ALA B 247 -18.06 -3.51 20.36
N PRO B 248 -19.35 -3.80 20.66
CA PRO B 248 -19.84 -5.18 20.53
C PRO B 248 -19.59 -5.78 19.15
N LYS B 249 -20.01 -5.06 18.09
CA LYS B 249 -19.87 -5.52 16.69
C LYS B 249 -18.94 -4.54 15.97
N PRO B 250 -17.63 -4.74 16.08
CA PRO B 250 -16.73 -3.72 15.59
C PRO B 250 -16.72 -3.65 14.06
N THR B 251 -16.56 -2.44 13.54
CA THR B 251 -16.48 -2.24 12.10
C THR B 251 -15.00 -2.19 11.67
N LEU B 252 -14.74 -2.24 10.36
CA LEU B 252 -13.34 -2.29 9.84
C LEU B 252 -12.61 -0.95 10.05
N ARG B 253 -13.34 0.17 9.97
CA ARG B 253 -12.72 1.48 9.96
C ARG B 253 -13.44 2.45 10.89
N TYR B 254 -12.69 3.12 11.76
CA TYR B 254 -13.20 4.20 12.60
C TYR B 254 -12.46 5.48 12.20
N PHE B 255 -13.15 6.60 12.24
CA PHE B 255 -12.55 7.88 11.90
C PHE B 255 -12.43 8.69 13.20
N THR B 256 -11.27 9.34 13.39
CA THR B 256 -11.05 10.12 14.60
C THR B 256 -11.52 11.54 14.46
N THR B 257 -11.82 11.95 13.24
CA THR B 257 -12.33 13.27 12.93
C THR B 257 -13.20 13.26 11.66
N GLU B 258 -14.01 14.32 11.55
CA GLU B 258 -14.89 14.52 10.39
CA GLU B 258 -14.90 14.58 10.42
C GLU B 258 -14.22 15.41 9.33
N ARG B 259 -13.11 16.05 9.66
CA ARG B 259 -12.57 17.12 8.81
C ARG B 259 -12.22 16.74 7.36
N PHE B 260 -11.64 15.56 7.18
CA PHE B 260 -11.17 15.11 5.86
CA PHE B 260 -11.17 15.15 5.84
C PHE B 260 -12.23 14.33 5.12
N LEU B 261 -13.37 14.10 5.76
CA LEU B 261 -14.47 13.34 5.14
C LEU B 261 -15.05 13.95 3.84
N PRO B 262 -15.13 15.29 3.71
CA PRO B 262 -15.54 15.84 2.40
C PRO B 262 -14.62 15.48 1.23
N LEU B 263 -13.31 15.64 1.41
CA LEU B 263 -12.33 15.21 0.40
C LEU B 263 -12.42 13.73 0.10
N LEU B 264 -12.58 12.90 1.15
CA LEU B 264 -12.74 11.46 0.98
C LEU B 264 -13.96 11.09 0.14
N ARG B 265 -15.12 11.71 0.43
CA ARG B 265 -16.34 11.49 -0.35
C ARG B 265 -16.14 11.74 -1.85
N MET B 266 -15.52 12.88 -2.16
CA MET B 266 -15.14 13.26 -3.52
C MET B 266 -14.20 12.25 -4.21
N ARG B 267 -13.29 11.66 -3.44
CA ARG B 267 -12.48 10.56 -3.94
C ARG B 267 -13.35 9.33 -4.25
N LEU B 268 -14.22 8.97 -3.32
CA LEU B 268 -15.06 7.76 -3.47
C LEU B 268 -16.16 7.88 -4.52
N ASP B 269 -16.59 9.10 -4.82
CA ASP B 269 -17.65 9.32 -5.82
C ASP B 269 -17.15 9.24 -7.24
N ASP B 270 -15.83 9.29 -7.46
CA ASP B 270 -15.30 9.29 -8.82
C ASP B 270 -14.13 8.30 -8.93
N PRO B 271 -14.43 7.02 -9.18
CA PRO B 271 -13.37 6.01 -9.30
C PRO B 271 -12.27 6.30 -10.34
N SER B 272 -12.59 7.07 -11.38
CA SER B 272 -11.60 7.51 -12.37
C SER B 272 -10.49 8.38 -11.78
N GLY B 273 -10.77 9.02 -10.65
CA GLY B 273 -9.75 9.79 -9.92
C GLY B 273 -9.59 11.22 -10.40
N SER B 274 -10.38 11.61 -11.40
CA SER B 274 -10.29 12.94 -12.01
C SER B 274 -10.71 14.05 -11.03
N ASN B 275 -11.84 13.85 -10.34
CA ASN B 275 -12.34 14.81 -9.35
C ASN B 275 -11.40 14.95 -8.17
N TYR B 276 -10.88 13.84 -7.66
CA TYR B 276 -9.96 13.91 -6.53
C TYR B 276 -8.68 14.67 -6.87
N VAL B 277 -8.03 14.32 -7.98
CA VAL B 277 -6.74 14.89 -8.31
C VAL B 277 -6.84 16.43 -8.44
N THR B 278 -7.82 16.91 -9.22
CA THR B 278 -8.03 18.33 -9.43
C THR B 278 -8.37 19.05 -8.11
N ALA B 279 -9.32 18.48 -7.36
CA ALA B 279 -9.74 19.03 -6.07
C ALA B 279 -8.60 19.11 -5.06
N MET B 280 -7.86 18.01 -4.89
CA MET B 280 -6.72 18.02 -3.97
C MET B 280 -5.63 18.99 -4.44
N HIS B 281 -5.46 19.16 -5.74
CA HIS B 281 -4.45 20.10 -6.23
C HIS B 281 -4.84 21.57 -5.87
N ARG B 282 -6.12 21.88 -6.00
CA ARG B 282 -6.66 23.17 -5.60
C ARG B 282 -6.56 23.39 -4.08
N GLU B 283 -6.95 22.40 -3.28
CA GLU B 283 -6.83 22.47 -1.81
C GLU B 283 -5.42 22.86 -1.39
N VAL B 284 -4.44 22.15 -1.93
CA VAL B 284 -3.06 22.29 -1.51
C VAL B 284 -2.38 23.51 -2.13
N PHE B 285 -2.55 23.73 -3.43
CA PHE B 285 -1.76 24.72 -4.16
C PHE B 285 -2.61 25.93 -4.63
N GLY B 286 -3.86 26.03 -4.19
CA GLY B 286 -4.72 27.18 -4.56
C GLY B 286 -5.38 27.05 -5.93
#